data_6J5Z
#
_entry.id   6J5Z
#
_cell.length_a   45.421
_cell.length_b   45.440
_cell.length_c   63.922
_cell.angle_alpha   86.570
_cell.angle_beta   86.480
_cell.angle_gamma   61.350
#
_symmetry.space_group_name_H-M   'P 1'
#
loop_
_entity.id
_entity.type
_entity.pdbx_description
1 polymer 'Histidine triad nucleotide-binding protein 1'
2 non-polymer 'ETHANESULFONIC ACID'
3 non-polymer ADENOSINE
4 water water
#
_entity_poly.entity_id   1
_entity_poly.type   'polypeptide(L)'
_entity_poly.pdbx_seq_one_letter_code
;SLMADEIAKAQVARPGGDTIFGKIIRKEIPAKIIFEDDRCLAFHDISPQAPTHFLVIPKKHISQISVAEDDDESLLGHLM
IVGKKCAADLGLNKGYRMVVNEGSDGGQSVYHVHLAVLGGRQMHWPPG
;
_entity_poly.pdbx_strand_id   A,B,C,D
#
# COMPACT_ATOMS: atom_id res chain seq x y z
N ARG A 14 31.49 -19.80 3.70
CA ARG A 14 32.39 -20.93 3.53
C ARG A 14 33.51 -20.92 4.54
N PRO A 15 33.33 -20.24 5.68
CA PRO A 15 32.26 -19.41 6.26
C PRO A 15 32.24 -17.97 5.75
N GLY A 16 31.04 -17.38 5.63
CA GLY A 16 30.89 -16.04 5.09
C GLY A 16 30.34 -16.00 3.67
N GLY A 17 30.32 -17.14 2.99
CA GLY A 17 29.92 -17.26 1.59
C GLY A 17 30.98 -16.87 0.55
N ASP A 18 30.71 -17.00 -0.76
CA ASP A 18 31.65 -16.58 -1.78
C ASP A 18 31.23 -15.30 -2.47
N THR A 19 30.32 -14.49 -1.88
CA THR A 19 30.21 -13.11 -2.37
C THR A 19 31.52 -12.44 -2.07
N ILE A 20 31.75 -11.30 -2.71
CA ILE A 20 32.95 -10.54 -2.44
C ILE A 20 33.08 -10.23 -0.95
N PHE A 21 31.96 -10.03 -0.27
CA PHE A 21 32.03 -9.73 1.15
C PHE A 21 32.50 -10.94 1.97
N GLY A 22 32.08 -12.13 1.56
CA GLY A 22 32.59 -13.37 2.19
C GLY A 22 34.09 -13.53 2.00
N LYS A 23 34.56 -13.16 0.82
CA LYS A 23 36.00 -13.20 0.55
C LYS A 23 36.77 -12.20 1.38
N ILE A 24 36.21 -11.01 1.53
CA ILE A 24 36.79 -10.00 2.41
C ILE A 24 36.88 -10.51 3.85
N ILE A 25 35.79 -11.13 4.33
CA ILE A 25 35.78 -11.68 5.68
C ILE A 25 36.92 -12.65 5.90
N ARG A 26 37.19 -13.49 4.91
CA ARG A 26 38.23 -14.51 5.03
C ARG A 26 39.61 -14.04 4.61
N LYS A 27 39.77 -12.74 4.35
CA LYS A 27 41.07 -12.12 4.02
C LYS A 27 41.58 -12.60 2.66
N GLU A 28 40.68 -13.05 1.80
CA GLU A 28 41.05 -13.57 0.48
C GLU A 28 41.13 -12.46 -0.54
N ILE A 29 40.43 -11.36 -0.26
CA ILE A 29 40.45 -10.14 -1.07
C ILE A 29 40.74 -9.01 -0.09
N PRO A 30 41.65 -8.10 -0.44
CA PRO A 30 41.97 -7.05 0.54
C PRO A 30 40.89 -6.02 0.73
N ALA A 31 40.90 -5.40 1.89
CA ALA A 31 39.97 -4.33 2.21
C ALA A 31 40.62 -3.44 3.26
N LYS A 32 40.06 -2.25 3.41
CA LYS A 32 40.57 -1.28 4.38
C LYS A 32 39.68 -1.37 5.59
N ILE A 33 40.13 -2.13 6.58
N ILE A 33 40.11 -2.22 6.52
CA ILE A 33 39.30 -2.51 7.71
CA ILE A 33 39.34 -2.59 7.70
C ILE A 33 39.40 -1.50 8.83
C ILE A 33 39.41 -1.49 8.73
N ILE A 34 38.23 -1.12 9.32
N ILE A 34 38.31 -1.31 9.45
CA ILE A 34 38.08 -0.17 10.43
CA ILE A 34 38.20 -0.31 10.50
C ILE A 34 37.90 -0.86 11.80
C ILE A 34 38.13 -1.05 11.80
N PHE A 35 37.19 -1.99 11.82
CA PHE A 35 36.83 -2.69 13.03
C PHE A 35 36.50 -4.11 12.68
N GLU A 36 36.83 -5.02 13.57
CA GLU A 36 36.51 -6.41 13.39
C GLU A 36 36.25 -7.04 14.75
N ASP A 37 35.19 -7.81 14.84
CA ASP A 37 34.99 -8.71 16.00
C ASP A 37 34.46 -10.05 15.51
N ASP A 38 34.00 -10.86 16.45
CA ASP A 38 33.53 -12.20 16.09
C ASP A 38 32.23 -12.22 15.28
N ARG A 39 31.49 -11.12 15.31
N ARG A 39 31.49 -11.11 15.31
CA ARG A 39 30.18 -11.06 14.66
CA ARG A 39 30.17 -11.04 14.69
C ARG A 39 30.15 -10.27 13.38
C ARG A 39 30.10 -10.21 13.42
N CYS A 40 31.07 -9.32 13.22
CA CYS A 40 30.98 -8.37 12.11
C CYS A 40 32.30 -7.75 11.75
N LEU A 41 32.28 -7.05 10.63
CA LEU A 41 33.43 -6.43 10.03
C LEU A 41 33.00 -5.08 9.45
N ALA A 42 33.77 -4.04 9.73
CA ALA A 42 33.56 -2.71 9.15
C ALA A 42 34.76 -2.36 8.27
N PHE A 43 34.49 -1.88 7.06
CA PHE A 43 35.54 -1.58 6.12
C PHE A 43 35.08 -0.48 5.15
N HIS A 44 36.03 0.23 4.57
CA HIS A 44 35.67 1.35 3.68
C HIS A 44 35.13 0.88 2.34
N ASP A 45 34.16 1.63 1.82
CA ASP A 45 33.60 1.36 0.51
C ASP A 45 34.57 1.78 -0.58
N ILE A 46 34.74 0.96 -1.61
CA ILE A 46 35.70 1.33 -2.66
C ILE A 46 35.15 2.35 -3.66
N SER A 47 33.85 2.62 -3.55
CA SER A 47 33.22 3.61 -4.41
C SER A 47 32.47 4.61 -3.54
N PRO A 48 33.22 5.41 -2.77
CA PRO A 48 32.56 6.25 -1.78
C PRO A 48 31.63 7.30 -2.39
N GLN A 49 30.49 7.52 -1.73
CA GLN A 49 29.49 8.47 -2.14
C GLN A 49 29.45 9.67 -1.19
N ALA A 50 30.35 9.66 -0.21
CA ALA A 50 30.53 10.76 0.74
C ALA A 50 31.99 10.75 1.17
N PRO A 51 32.48 11.85 1.74
CA PRO A 51 33.89 11.91 2.14
C PRO A 51 34.30 10.72 3.03
N THR A 52 33.40 10.25 3.89
CA THR A 52 33.57 9.01 4.59
C THR A 52 32.40 8.11 4.25
N HIS A 53 32.69 6.89 3.85
CA HIS A 53 31.68 5.95 3.43
C HIS A 53 32.20 4.54 3.68
N PHE A 54 31.62 3.87 4.67
CA PHE A 54 32.03 2.54 5.04
C PHE A 54 30.86 1.61 5.18
N LEU A 55 31.15 0.32 5.28
CA LEU A 55 30.16 -0.72 5.36
C LEU A 55 30.40 -1.52 6.63
N VAL A 56 29.32 -2.00 7.24
CA VAL A 56 29.37 -2.92 8.35
C VAL A 56 28.61 -4.14 7.93
N ILE A 57 29.26 -5.29 7.97
CA ILE A 57 28.65 -6.52 7.50
C ILE A 57 28.72 -7.58 8.60
N PRO A 58 27.74 -8.48 8.65
CA PRO A 58 27.85 -9.62 9.53
C PRO A 58 28.83 -10.64 8.98
N LYS A 59 29.52 -11.37 9.86
CA LYS A 59 30.34 -12.48 9.42
C LYS A 59 29.47 -13.67 9.01
N LYS A 60 28.33 -13.85 9.67
CA LYS A 60 27.34 -14.80 9.24
C LYS A 60 26.74 -14.33 7.92
N HIS A 61 26.71 -15.21 6.93
CA HIS A 61 26.10 -14.85 5.68
C HIS A 61 24.59 -14.78 5.79
N ILE A 62 24.05 -13.59 5.54
CA ILE A 62 22.62 -13.36 5.36
C ILE A 62 22.53 -12.62 4.03
N SER A 63 21.74 -13.12 3.07
CA SER A 63 21.80 -12.57 1.73
C SER A 63 21.22 -11.18 1.65
N GLN A 64 20.17 -10.91 2.42
CA GLN A 64 19.43 -9.65 2.33
C GLN A 64 18.54 -9.55 3.54
N ILE A 65 18.20 -8.33 3.93
CA ILE A 65 17.49 -8.13 5.18
C ILE A 65 16.11 -8.80 5.13
N SER A 66 15.52 -8.93 3.93
CA SER A 66 14.18 -9.49 3.82
C SER A 66 14.12 -10.96 4.21
N VAL A 67 15.27 -11.63 4.26
CA VAL A 67 15.31 -13.03 4.69
C VAL A 67 15.97 -13.25 6.05
N ALA A 68 16.25 -12.17 6.77
CA ALA A 68 16.80 -12.27 8.12
C ALA A 68 15.81 -12.98 9.02
N GLU A 69 16.32 -13.79 9.93
CA GLU A 69 15.50 -14.55 10.87
C GLU A 69 15.24 -13.72 12.12
N ASP A 70 14.18 -14.04 12.85
CA ASP A 70 13.89 -13.33 14.09
C ASP A 70 15.09 -13.37 15.03
N ASP A 71 15.79 -14.51 15.06
CA ASP A 71 16.91 -14.68 15.98
C ASP A 71 18.14 -13.89 15.54
N ASP A 72 18.07 -13.22 14.39
CA ASP A 72 19.14 -12.34 13.92
C ASP A 72 19.05 -10.92 14.52
N GLU A 73 18.09 -10.66 15.40
CA GLU A 73 17.90 -9.33 15.93
C GLU A 73 19.15 -8.76 16.57
N SER A 74 19.78 -9.49 17.49
CA SER A 74 20.94 -8.95 18.17
C SER A 74 22.03 -8.63 17.18
N LEU A 75 22.23 -9.51 16.20
CA LEU A 75 23.29 -9.30 15.20
C LEU A 75 23.05 -8.04 14.37
N LEU A 76 21.81 -7.86 13.94
CA LEU A 76 21.49 -6.68 13.15
C LEU A 76 21.67 -5.41 13.97
N GLY A 77 21.24 -5.44 15.22
CA GLY A 77 21.46 -4.32 16.11
C GLY A 77 22.94 -4.06 16.33
N HIS A 78 23.73 -5.12 16.40
CA HIS A 78 25.15 -4.99 16.58
C HIS A 78 25.78 -4.26 15.40
N LEU A 79 25.27 -4.50 14.19
CA LEU A 79 25.78 -3.78 13.03
C LEU A 79 25.59 -2.28 13.22
N MET A 80 24.46 -1.88 13.78
CA MET A 80 24.19 -0.47 14.00
C MET A 80 25.03 0.12 15.10
N ILE A 81 25.23 -0.64 16.17
CA ILE A 81 26.06 -0.15 17.27
C ILE A 81 27.51 0.00 16.80
N VAL A 82 28.00 -1.01 16.06
CA VAL A 82 29.34 -0.93 15.49
C VAL A 82 29.44 0.24 14.50
N GLY A 83 28.41 0.43 13.67
CA GLY A 83 28.40 1.57 12.76
C GLY A 83 28.52 2.88 13.49
N LYS A 84 27.75 3.08 14.57
CA LYS A 84 27.81 4.36 15.25
C LYS A 84 29.15 4.53 15.99
N LYS A 85 29.70 3.44 16.51
CA LYS A 85 31.02 3.54 17.15
C LYS A 85 32.11 3.88 16.16
N CYS A 86 32.12 3.20 15.03
CA CYS A 86 33.08 3.49 13.98
C CYS A 86 32.96 4.94 13.49
N ALA A 87 31.73 5.44 13.32
CA ALA A 87 31.53 6.81 12.88
C ALA A 87 32.16 7.77 13.89
N ALA A 88 31.98 7.51 15.18
CA ALA A 88 32.61 8.34 16.20
C ALA A 88 34.13 8.26 16.13
N ASP A 89 34.65 7.04 15.95
CA ASP A 89 36.10 6.85 15.90
C ASP A 89 36.72 7.56 14.69
N LEU A 90 35.92 7.69 13.62
CA LEU A 90 36.33 8.34 12.40
C LEU A 90 36.03 9.84 12.40
N GLY A 91 35.58 10.37 13.54
CA GLY A 91 35.41 11.80 13.68
C GLY A 91 34.20 12.41 12.98
N LEU A 92 33.16 11.62 12.74
CA LEU A 92 31.94 12.14 12.11
C LEU A 92 31.01 12.80 13.12
N ASN A 93 31.54 13.83 13.79
CA ASN A 93 30.87 14.49 14.89
C ASN A 93 29.66 15.33 14.47
N LYS A 94 29.56 15.65 13.20
CA LYS A 94 28.46 16.44 12.69
C LYS A 94 27.30 15.58 12.23
N GLY A 95 27.51 14.28 12.19
CA GLY A 95 26.46 13.36 11.83
C GLY A 95 26.78 12.49 10.62
N TYR A 96 25.81 11.68 10.24
CA TYR A 96 25.99 10.68 9.20
C TYR A 96 24.64 10.02 8.94
N ARG A 97 24.61 9.22 7.88
CA ARG A 97 23.42 8.49 7.48
C ARG A 97 23.77 7.02 7.35
N MET A 98 22.95 6.18 7.97
CA MET A 98 23.07 4.72 7.84
C MET A 98 22.01 4.23 6.89
N VAL A 99 22.41 3.33 6.00
CA VAL A 99 21.56 2.83 4.94
C VAL A 99 21.66 1.33 4.79
N VAL A 100 20.52 0.65 4.67
CA VAL A 100 20.47 -0.76 4.30
C VAL A 100 19.64 -0.85 3.03
N ASN A 101 20.29 -1.31 1.97
CA ASN A 101 19.62 -1.51 0.70
C ASN A 101 19.09 -2.94 0.58
N GLU A 102 17.83 -3.08 0.19
CA GLU A 102 17.21 -4.38 -0.04
C GLU A 102 16.74 -4.51 -1.46
N GLY A 103 17.24 -5.54 -2.13
CA GLY A 103 16.76 -5.92 -3.43
C GLY A 103 16.94 -4.88 -4.51
N SER A 104 16.19 -5.07 -5.59
CA SER A 104 16.38 -4.29 -6.80
CA SER A 104 16.38 -4.29 -6.79
C SER A 104 15.99 -2.84 -6.58
N ASP A 105 14.80 -2.59 -6.02
CA ASP A 105 14.36 -1.20 -5.79
C ASP A 105 15.23 -0.52 -4.73
N GLY A 106 15.82 -1.28 -3.82
CA GLY A 106 16.67 -0.68 -2.81
C GLY A 106 18.06 -0.36 -3.32
N GLY A 107 18.40 -0.89 -4.49
CA GLY A 107 19.72 -0.68 -5.07
C GLY A 107 20.77 -1.62 -4.48
N GLN A 108 20.34 -2.76 -3.96
CA GLN A 108 21.31 -3.74 -3.43
C GLN A 108 22.12 -4.37 -4.57
N SER A 109 23.44 -4.39 -4.42
CA SER A 109 24.31 -4.93 -5.47
C SER A 109 25.02 -6.21 -5.08
N VAL A 110 25.30 -6.38 -3.80
CA VAL A 110 25.95 -7.57 -3.28
C VAL A 110 24.96 -8.23 -2.31
N TYR A 111 24.64 -9.49 -2.56
CA TYR A 111 23.66 -10.20 -1.73
C TYR A 111 24.30 -10.84 -0.50
N HIS A 112 24.87 -9.95 0.32
CA HIS A 112 25.33 -10.21 1.66
C HIS A 112 24.98 -8.92 2.38
N VAL A 113 24.15 -9.01 3.42
CA VAL A 113 23.57 -7.79 3.94
CA VAL A 113 23.59 -7.83 4.09
C VAL A 113 24.70 -6.89 4.49
N HIS A 114 24.48 -5.59 4.32
CA HIS A 114 25.47 -4.59 4.75
C HIS A 114 24.74 -3.33 5.17
N LEU A 115 25.27 -2.73 6.24
CA LEU A 115 24.87 -1.40 6.66
C LEU A 115 25.92 -0.40 6.19
N ALA A 116 25.52 0.55 5.35
CA ALA A 116 26.43 1.61 4.89
C ALA A 116 26.31 2.80 5.81
N VAL A 117 27.45 3.42 6.08
CA VAL A 117 27.50 4.66 6.88
C VAL A 117 28.20 5.71 6.06
N LEU A 118 27.51 6.80 5.82
CA LEU A 118 28.00 7.93 5.00
C LEU A 118 28.01 9.21 5.80
N GLY A 119 29.12 9.94 5.72
CA GLY A 119 29.19 11.22 6.38
C GLY A 119 30.33 12.06 5.84
N GLY A 120 30.59 13.16 6.53
CA GLY A 120 31.63 14.11 6.16
C GLY A 120 31.13 15.16 5.19
N ARG A 121 29.84 15.14 4.87
CA ARG A 121 29.19 16.19 4.09
C ARG A 121 27.73 16.24 4.50
N GLN A 122 27.06 17.31 4.11
CA GLN A 122 25.62 17.38 4.30
C GLN A 122 24.97 16.33 3.41
N MET A 123 24.17 15.45 4.02
CA MET A 123 23.34 14.52 3.29
C MET A 123 21.99 15.19 3.00
N HIS A 124 21.42 14.84 1.83
CA HIS A 124 20.21 15.51 1.35
C HIS A 124 19.00 14.62 1.48
N TRP A 125 17.84 15.22 1.28
CA TRP A 125 16.57 14.48 1.34
C TRP A 125 15.91 14.68 -0.03
N PRO A 126 15.29 13.64 -0.58
CA PRO A 126 15.15 12.27 -0.06
C PRO A 126 16.44 11.50 -0.12
N PRO A 127 16.48 10.35 0.56
CA PRO A 127 17.72 9.55 0.61
C PRO A 127 17.83 8.63 -0.60
N GLY A 128 17.89 9.25 -1.78
CA GLY A 128 17.77 8.54 -3.05
C GLY A 128 16.33 8.42 -3.47
N GLY B 17 9.21 10.31 24.85
CA GLY B 17 9.81 11.61 25.17
C GLY B 17 9.17 12.96 24.76
N ASP B 18 10.02 13.98 24.71
CA ASP B 18 9.63 15.36 24.43
C ASP B 18 9.77 15.76 22.94
N THR B 19 9.32 14.90 22.04
CA THR B 19 9.26 15.23 20.62
C THR B 19 7.90 14.82 20.09
N ILE B 20 7.62 15.20 18.85
CA ILE B 20 6.39 14.81 18.21
C ILE B 20 6.25 13.28 18.11
N PHE B 21 7.36 12.55 18.01
CA PHE B 21 7.30 11.07 18.03
C PHE B 21 6.86 10.52 19.41
N GLY B 22 7.25 11.21 20.48
CA GLY B 22 6.75 10.85 21.78
C GLY B 22 5.25 11.01 21.84
N LYS B 23 4.76 12.11 21.31
CA LYS B 23 3.31 12.36 21.28
C LYS B 23 2.58 11.31 20.47
N ILE B 24 3.19 10.87 19.37
CA ILE B 24 2.60 9.85 18.55
C ILE B 24 2.53 8.51 19.35
N ILE B 25 3.62 8.16 20.03
CA ILE B 25 3.64 6.92 20.85
C ILE B 25 2.56 6.96 21.93
N ARG B 26 2.35 8.13 22.54
CA ARG B 26 1.39 8.27 23.62
C ARG B 26 -0.04 8.42 23.12
N LYS B 27 -0.22 8.41 21.78
CA LYS B 27 -1.51 8.52 21.10
C LYS B 27 -2.15 9.91 21.30
N GLU B 28 -1.33 10.90 21.59
CA GLU B 28 -1.79 12.26 21.78
C GLU B 28 -2.10 12.94 20.45
N ILE B 29 -1.37 12.57 19.41
CA ILE B 29 -1.71 13.08 18.10
C ILE B 29 -1.70 11.88 17.15
N PRO B 30 -2.48 11.98 16.07
CA PRO B 30 -2.68 10.80 15.23
C PRO B 30 -1.56 10.54 14.25
N ALA B 31 -1.46 9.28 13.87
CA ALA B 31 -0.57 8.81 12.80
C ALA B 31 -1.22 7.56 12.25
N LYS B 32 -0.85 7.20 11.03
N LYS B 32 -0.93 7.23 11.00
CA LYS B 32 -1.41 6.01 10.41
CA LYS B 32 -1.47 5.99 10.45
C LYS B 32 -0.58 4.79 10.80
C LYS B 32 -0.54 4.86 10.87
N ILE B 33 -0.99 4.14 11.88
CA ILE B 33 -0.19 3.07 12.49
C ILE B 33 -0.29 1.81 11.69
N ILE B 34 0.86 1.19 11.49
CA ILE B 34 1.01 -0.03 10.71
C ILE B 34 1.19 -1.23 11.63
N PHE B 35 1.95 -1.04 12.71
CA PHE B 35 2.25 -2.13 13.62
C PHE B 35 2.64 -1.52 14.97
N GLU B 36 2.35 -2.25 16.03
CA GLU B 36 2.77 -1.85 17.37
C GLU B 36 3.05 -3.12 18.17
N ASP B 37 4.03 -3.04 19.06
CA ASP B 37 4.16 -4.03 20.11
C ASP B 37 4.51 -3.34 21.42
N ASP B 38 5.08 -4.07 22.37
CA ASP B 38 5.37 -3.47 23.67
C ASP B 38 6.57 -2.52 23.65
N ARG B 39 7.34 -2.51 22.57
CA ARG B 39 8.61 -1.79 22.60
C ARG B 39 8.88 -0.92 21.37
N CYS B 40 7.99 -0.95 20.38
CA CYS B 40 8.17 -0.13 19.18
C CYS B 40 6.85 0.16 18.51
N LEU B 41 6.90 1.10 17.58
CA LEU B 41 5.72 1.53 16.82
C LEU B 41 6.14 1.82 15.40
N ALA B 42 5.35 1.34 14.45
CA ALA B 42 5.59 1.61 13.03
C ALA B 42 4.40 2.37 12.46
N PHE B 43 4.67 3.43 11.71
CA PHE B 43 3.62 4.28 11.19
C PHE B 43 4.08 4.98 9.92
N HIS B 44 3.12 5.31 9.05
CA HIS B 44 3.45 6.00 7.81
C HIS B 44 3.97 7.41 8.09
N ASP B 45 5.01 7.81 7.35
CA ASP B 45 5.57 9.11 7.51
C ASP B 45 4.61 10.18 6.96
N ILE B 46 4.52 11.28 7.66
CA ILE B 46 3.66 12.37 7.24
C ILE B 46 4.12 13.06 5.97
N SER B 47 5.40 12.93 5.63
CA SER B 47 5.97 13.59 4.46
C SER B 47 6.63 12.50 3.58
N PRO B 48 5.82 11.66 2.92
CA PRO B 48 6.41 10.51 2.27
C PRO B 48 7.26 10.91 1.06
N GLN B 49 8.37 10.21 0.89
CA GLN B 49 9.30 10.45 -0.19
C GLN B 49 9.34 9.32 -1.20
N ALA B 50 8.43 8.36 -1.05
CA ALA B 50 8.28 7.22 -1.93
C ALA B 50 6.85 6.76 -1.78
N PRO B 51 6.36 5.95 -2.70
CA PRO B 51 4.97 5.50 -2.61
C PRO B 51 4.66 4.78 -1.30
N THR B 52 5.64 4.09 -0.74
CA THR B 52 5.57 3.58 0.63
C THR B 52 6.72 4.20 1.39
N HIS B 53 6.43 4.84 2.50
CA HIS B 53 7.45 5.47 3.33
C HIS B 53 6.94 5.47 4.76
N PHE B 54 7.50 4.60 5.60
CA PHE B 54 7.09 4.49 6.98
C PHE B 54 8.30 4.52 7.91
N LEU B 55 8.03 4.69 9.20
CA LEU B 55 9.03 4.74 10.24
C LEU B 55 8.77 3.64 11.25
N VAL B 56 9.86 3.12 11.81
CA VAL B 56 9.79 2.23 12.97
C VAL B 56 10.60 2.91 14.06
N ILE B 57 9.96 3.15 15.21
CA ILE B 57 10.61 3.84 16.29
C ILE B 57 10.53 3.05 17.59
N PRO B 58 11.55 3.12 18.45
CA PRO B 58 11.44 2.50 19.75
C PRO B 58 10.54 3.35 20.65
N LYS B 59 9.86 2.69 21.57
CA LYS B 59 9.12 3.44 22.58
C LYS B 59 10.05 4.10 23.60
N LYS B 60 11.20 3.47 23.84
CA LYS B 60 12.25 4.06 24.67
C LYS B 60 12.77 5.32 23.98
N HIS B 61 12.93 6.41 24.70
CA HIS B 61 13.40 7.63 24.09
C HIS B 61 14.92 7.68 23.97
N ILE B 62 15.42 7.15 22.88
CA ILE B 62 16.83 7.26 22.53
C ILE B 62 16.83 8.44 21.54
N SER B 63 17.60 9.49 21.85
CA SER B 63 17.48 10.71 21.05
C SER B 63 18.11 10.60 19.68
N GLN B 64 19.17 9.81 19.61
CA GLN B 64 19.92 9.67 18.37
C GLN B 64 20.75 8.42 18.45
N ILE B 65 21.05 7.83 17.30
CA ILE B 65 21.77 6.55 17.31
C ILE B 65 23.15 6.71 17.94
N SER B 66 23.73 7.89 17.85
CA SER B 66 25.08 8.11 18.38
C SER B 66 25.14 7.91 19.90
N VAL B 67 24.01 8.01 20.58
CA VAL B 67 24.00 7.85 22.03
C VAL B 67 23.35 6.54 22.48
N ALA B 68 23.03 5.66 21.53
CA ALA B 68 22.48 4.35 21.88
C ALA B 68 23.48 3.57 22.70
N GLU B 69 22.95 2.83 23.67
CA GLU B 69 23.75 2.06 24.60
C GLU B 69 23.89 0.62 24.10
N ASP B 70 24.97 -0.03 24.50
CA ASP B 70 25.21 -1.41 24.10
C ASP B 70 23.99 -2.27 24.44
N ASP B 71 23.39 -2.03 25.60
CA ASP B 71 22.23 -2.78 26.02
C ASP B 71 21.01 -2.59 25.11
N ASP B 72 21.02 -1.58 24.24
CA ASP B 72 19.94 -1.34 23.27
C ASP B 72 20.13 -2.13 21.99
N GLU B 73 21.18 -2.92 21.91
CA GLU B 73 21.50 -3.56 20.67
C GLU B 73 20.36 -4.42 20.11
N SER B 74 19.74 -5.25 20.94
CA SER B 74 18.70 -6.10 20.38
C SER B 74 17.43 -5.31 20.05
N LEU B 75 17.16 -4.24 20.80
CA LEU B 75 16.06 -3.34 20.47
C LEU B 75 16.23 -2.69 19.10
N LEU B 76 17.44 -2.23 18.80
CA LEU B 76 17.72 -1.68 17.47
C LEU B 76 17.50 -2.72 16.39
N GLY B 77 17.94 -3.95 16.65
CA GLY B 77 17.74 -5.01 15.67
C GLY B 77 16.25 -5.32 15.51
N HIS B 78 15.51 -5.22 16.60
CA HIS B 78 14.07 -5.42 16.57
C HIS B 78 13.40 -4.39 15.66
N LEU B 79 13.88 -3.15 15.66
CA LEU B 79 13.32 -2.16 14.73
C LEU B 79 13.51 -2.61 13.29
N MET B 80 14.67 -3.19 13.00
CA MET B 80 14.95 -3.63 11.66
C MET B 80 14.10 -4.85 11.26
N ILE B 81 13.91 -5.80 12.17
CA ILE B 81 13.09 -6.98 11.88
C ILE B 81 11.61 -6.54 11.69
N VAL B 82 11.13 -5.64 12.55
CA VAL B 82 9.78 -5.11 12.40
C VAL B 82 9.68 -4.36 11.06
N GLY B 83 10.68 -3.57 10.72
CA GLY B 83 10.68 -2.89 9.44
C GLY B 83 10.60 -3.85 8.26
N LYS B 84 11.38 -4.94 8.31
CA LYS B 84 11.33 -5.98 7.30
C LYS B 84 9.93 -6.59 7.16
N LYS B 85 9.32 -6.91 8.29
CA LYS B 85 8.02 -7.55 8.30
C LYS B 85 6.94 -6.59 7.79
N CYS B 86 7.02 -5.33 8.19
CA CYS B 86 6.04 -4.36 7.72
C CYS B 86 6.19 -4.14 6.22
N ALA B 87 7.41 -4.10 5.73
CA ALA B 87 7.65 -3.94 4.29
C ALA B 87 6.98 -5.05 3.51
N ALA B 88 7.12 -6.27 3.99
CA ALA B 88 6.53 -7.40 3.30
C ALA B 88 5.00 -7.31 3.33
N ASP B 89 4.46 -6.94 4.48
CA ASP B 89 3.02 -6.80 4.63
C ASP B 89 2.45 -5.72 3.72
N LEU B 90 3.26 -4.69 3.46
CA LEU B 90 2.87 -3.59 2.62
C LEU B 90 3.20 -3.86 1.14
N GLY B 91 3.62 -5.08 0.81
CA GLY B 91 3.79 -5.47 -0.58
C GLY B 91 5.08 -5.05 -1.30
N LEU B 92 6.12 -4.72 -0.55
CA LEU B 92 7.36 -4.23 -1.12
C LEU B 92 8.27 -5.37 -1.59
N ASN B 93 7.77 -6.16 -2.52
CA ASN B 93 8.44 -7.39 -2.99
C ASN B 93 9.62 -7.11 -3.94
N LYS B 94 9.72 -5.89 -4.45
CA LYS B 94 10.83 -5.54 -5.35
C LYS B 94 11.98 -4.88 -4.59
N GLY B 95 11.78 -4.65 -3.30
CA GLY B 95 12.83 -4.11 -2.47
C GLY B 95 12.50 -2.80 -1.80
N TYR B 96 13.46 -2.28 -1.06
CA TYR B 96 13.26 -1.06 -0.30
C TYR B 96 14.59 -0.61 0.28
N ARG B 97 14.59 0.58 0.89
CA ARG B 97 15.76 1.12 1.54
C ARG B 97 15.41 1.50 2.97
N MET B 98 16.24 1.08 3.90
CA MET B 98 16.13 1.47 5.30
C MET B 98 17.18 2.53 5.60
N VAL B 99 16.77 3.55 6.36
CA VAL B 99 17.61 4.71 6.63
C VAL B 99 17.52 5.12 8.09
N VAL B 100 18.67 5.37 8.71
CA VAL B 100 18.75 6.01 10.02
C VAL B 100 19.61 7.26 9.86
N ASN B 101 19.01 8.41 10.16
CA ASN B 101 19.74 9.69 10.10
C ASN B 101 20.26 10.07 11.45
N GLU B 102 21.51 10.56 11.48
CA GLU B 102 22.14 11.06 12.69
C GLU B 102 22.61 12.50 12.52
N GLY B 103 22.12 13.38 13.38
CA GLY B 103 22.68 14.72 13.47
C GLY B 103 22.37 15.59 12.26
N SER B 104 23.06 16.72 12.24
N SER B 104 23.05 16.72 12.19
CA SER B 104 22.89 17.75 11.22
CA SER B 104 22.73 17.70 11.16
C SER B 104 23.23 17.21 9.84
C SER B 104 23.23 17.24 9.80
N ASP B 105 24.44 16.69 9.71
CA ASP B 105 24.91 16.20 8.41
C ASP B 105 24.06 15.03 7.93
N GLY B 106 23.53 14.24 8.86
CA GLY B 106 22.66 13.14 8.49
C GLY B 106 21.26 13.56 8.13
N GLY B 107 20.91 14.82 8.37
CA GLY B 107 19.54 15.27 8.08
C GLY B 107 18.50 14.77 9.08
N GLN B 108 18.91 14.47 10.30
CA GLN B 108 17.98 13.95 11.31
C GLN B 108 16.95 15.02 11.64
N SER B 109 15.68 14.72 11.39
N SER B 109 15.68 14.71 11.40
CA SER B 109 14.65 15.73 11.55
CA SER B 109 14.61 15.70 11.54
C SER B 109 14.02 15.78 12.93
C SER B 109 13.88 15.73 12.86
N VAL B 110 14.05 14.67 13.66
CA VAL B 110 13.43 14.55 14.99
C VAL B 110 14.42 13.82 15.86
N TYR B 111 14.68 14.35 17.07
CA TYR B 111 15.63 13.74 18.00
C TYR B 111 14.97 12.64 18.85
N HIS B 112 14.50 11.63 18.12
CA HIS B 112 14.01 10.38 18.66
C HIS B 112 14.37 9.38 17.57
N VAL B 113 15.21 8.40 17.89
CA VAL B 113 15.73 7.55 16.84
CA VAL B 113 15.71 7.43 16.91
C VAL B 113 14.58 6.90 16.05
N HIS B 114 14.77 6.88 14.73
CA HIS B 114 13.77 6.30 13.85
C HIS B 114 14.44 5.61 12.67
N LEU B 115 13.89 4.46 12.31
CA LEU B 115 14.31 3.73 11.14
C LEU B 115 13.28 3.97 10.03
N ALA B 116 13.66 4.67 8.98
CA ALA B 116 12.76 4.95 7.86
C ALA B 116 12.87 3.78 6.86
N VAL B 117 11.75 3.39 6.28
CA VAL B 117 11.70 2.38 5.26
C VAL B 117 10.97 2.97 4.05
N LEU B 118 11.64 2.97 2.90
CA LEU B 118 11.12 3.57 1.68
C LEU B 118 11.11 2.55 0.54
N GLY B 119 10.02 2.49 -0.20
CA GLY B 119 9.97 1.63 -1.35
C GLY B 119 8.79 1.95 -2.24
N GLY B 120 8.53 1.08 -3.22
CA GLY B 120 7.47 1.31 -4.17
C GLY B 120 7.93 2.13 -5.35
N ARG B 121 9.23 2.42 -5.41
CA ARG B 121 9.87 3.02 -6.58
C ARG B 121 11.33 2.65 -6.52
N GLN B 122 12.02 2.85 -7.62
CA GLN B 122 13.47 2.68 -7.61
C GLN B 122 14.10 3.74 -6.70
N MET B 123 14.91 3.29 -5.76
CA MET B 123 15.70 4.19 -4.92
C MET B 123 17.06 4.37 -5.61
N HIS B 124 17.60 5.58 -5.54
CA HIS B 124 18.76 5.94 -6.32
C HIS B 124 20.03 6.06 -5.48
N TRP B 125 21.17 6.21 -6.16
CA TRP B 125 22.45 6.26 -5.52
C TRP B 125 23.14 7.49 -6.08
N PRO B 126 23.71 8.34 -5.21
CA PRO B 126 23.86 8.21 -3.77
C PRO B 126 22.54 8.37 -3.01
N PRO B 127 22.51 7.93 -1.74
CA PRO B 127 21.28 7.99 -0.95
C PRO B 127 21.15 9.33 -0.26
N GLY B 128 21.08 10.39 -1.06
CA GLY B 128 21.18 11.74 -0.57
C GLY B 128 22.62 12.24 -0.55
N GLY C 17 -10.51 -14.24 -22.50
CA GLY C 17 -10.70 -14.08 -23.94
C GLY C 17 -9.63 -13.35 -24.77
N ASP C 18 -10.09 -12.59 -25.75
CA ASP C 18 -9.23 -11.92 -26.75
C ASP C 18 -8.94 -10.46 -26.43
N THR C 19 -8.66 -10.16 -25.18
CA THR C 19 -8.24 -8.83 -24.79
C THR C 19 -7.02 -8.95 -23.92
N ILE C 20 -6.41 -7.82 -23.61
CA ILE C 20 -5.25 -7.82 -22.75
C ILE C 20 -5.58 -8.41 -21.37
N PHE C 21 -6.81 -8.26 -20.91
CA PHE C 21 -7.18 -8.88 -19.62
C PHE C 21 -7.23 -10.42 -19.70
N GLY C 22 -7.60 -10.95 -20.87
CA GLY C 22 -7.50 -12.38 -21.10
C GLY C 22 -6.03 -12.82 -20.98
N LYS C 23 -5.12 -12.04 -21.57
CA LYS C 23 -3.71 -12.38 -21.51
C LYS C 23 -3.19 -12.37 -20.06
N ILE C 24 -3.65 -11.39 -19.29
CA ILE C 24 -3.30 -11.30 -17.89
C ILE C 24 -3.80 -12.53 -17.12
N ILE C 25 -5.06 -12.91 -17.34
CA ILE C 25 -5.61 -14.10 -16.68
C ILE C 25 -4.79 -15.35 -17.01
N ARG C 26 -4.38 -15.47 -18.27
CA ARG C 26 -3.63 -16.63 -18.72
C ARG C 26 -2.15 -16.58 -18.32
N LYS C 27 -1.73 -15.48 -17.67
CA LYS C 27 -0.38 -15.28 -17.20
C LYS C 27 0.62 -15.08 -18.34
N GLU C 28 0.11 -14.70 -19.50
CA GLU C 28 0.93 -14.44 -20.68
C GLU C 28 1.68 -13.14 -20.59
N ILE C 29 1.08 -12.16 -19.94
CA ILE C 29 1.77 -10.92 -19.65
C ILE C 29 1.59 -10.57 -18.18
N PRO C 30 2.56 -9.83 -17.63
CA PRO C 30 2.54 -9.65 -16.19
C PRO C 30 1.57 -8.58 -15.71
N ALA C 31 1.19 -8.73 -14.46
CA ALA C 31 0.44 -7.71 -13.71
C ALA C 31 0.75 -7.94 -12.26
N LYS C 32 0.56 -6.91 -11.43
CA LYS C 32 0.80 -7.05 -10.02
C LYS C 32 -0.46 -7.61 -9.37
N ILE C 33 -0.46 -8.92 -9.15
CA ILE C 33 -1.65 -9.64 -8.70
C ILE C 33 -1.80 -9.50 -7.21
N ILE C 34 -3.02 -9.19 -6.81
CA ILE C 34 -3.38 -8.98 -5.41
C ILE C 34 -4.10 -10.19 -4.84
N PHE C 35 -4.95 -10.82 -5.65
CA PHE C 35 -5.75 -11.94 -5.21
C PHE C 35 -6.18 -12.75 -6.43
N GLU C 36 -6.33 -14.05 -6.24
CA GLU C 36 -6.86 -14.92 -7.29
C GLU C 36 -7.66 -16.03 -6.65
N ASP C 37 -8.70 -16.46 -7.35
CA ASP C 37 -9.34 -17.70 -7.02
C ASP C 37 -9.70 -18.45 -8.29
N ASP C 38 -10.65 -19.39 -8.22
CA ASP C 38 -10.98 -20.19 -9.38
C ASP C 38 -11.80 -19.43 -10.42
N ARG C 39 -12.28 -18.23 -10.10
CA ARG C 39 -13.26 -17.60 -10.95
C ARG C 39 -13.03 -16.10 -11.14
N CYS C 40 -12.02 -15.53 -10.50
CA CYS C 40 -11.70 -14.13 -10.66
C CYS C 40 -10.25 -13.84 -10.35
N LEU C 41 -9.83 -12.64 -10.71
CA LEU C 41 -8.45 -12.17 -10.53
C LEU C 41 -8.49 -10.70 -10.18
N ALA C 42 -7.73 -10.31 -9.16
CA ALA C 42 -7.58 -8.90 -8.80
C ALA C 42 -6.13 -8.49 -8.94
N PHE C 43 -5.91 -7.33 -9.56
CA PHE C 43 -4.55 -6.84 -9.84
C PHE C 43 -4.54 -5.34 -9.92
N HIS C 44 -3.39 -4.76 -9.64
CA HIS C 44 -3.25 -3.31 -9.70
C HIS C 44 -3.37 -2.83 -11.15
N ASP C 45 -4.06 -1.71 -11.35
CA ASP C 45 -4.21 -1.11 -12.68
C ASP C 45 -2.89 -0.50 -13.14
N ILE C 46 -2.59 -0.70 -14.42
CA ILE C 46 -1.35 -0.17 -14.95
C ILE C 46 -1.34 1.35 -15.06
N SER C 47 -2.50 1.96 -15.03
CA SER C 47 -2.65 3.42 -15.14
C SER C 47 -3.42 3.94 -13.92
N PRO C 48 -2.80 3.94 -12.75
CA PRO C 48 -3.58 4.23 -11.54
C PRO C 48 -4.01 5.69 -11.46
N GLN C 49 -5.23 5.90 -11.03
CA GLN C 49 -5.82 7.20 -10.89
C GLN C 49 -6.02 7.62 -9.43
N ALA C 50 -5.49 6.83 -8.51
CA ALA C 50 -5.52 7.10 -7.08
C ALA C 50 -4.34 6.34 -6.48
N PRO C 51 -3.99 6.63 -5.24
CA PRO C 51 -2.84 5.94 -4.64
C PRO C 51 -3.02 4.43 -4.59
N THR C 52 -4.26 3.97 -4.45
CA THR C 52 -4.61 2.59 -4.66
C THR C 52 -5.65 2.52 -5.77
N HIS C 53 -5.38 1.73 -6.78
CA HIS C 53 -6.30 1.56 -7.89
C HIS C 53 -6.09 0.18 -8.47
N PHE C 54 -7.04 -0.71 -8.21
CA PHE C 54 -6.96 -2.08 -8.72
C PHE C 54 -8.24 -2.48 -9.42
N LEU C 55 -8.19 -3.62 -10.10
CA LEU C 55 -9.31 -4.17 -10.81
C LEU C 55 -9.60 -5.56 -10.30
N VAL C 56 -10.87 -5.94 -10.33
CA VAL C 56 -11.29 -7.30 -10.10
C VAL C 56 -12.06 -7.72 -11.34
N ILE C 57 -11.62 -8.81 -11.97
CA ILE C 57 -12.20 -9.28 -13.22
C ILE C 57 -12.61 -10.74 -13.12
N PRO C 58 -13.70 -11.12 -13.78
CA PRO C 58 -14.04 -12.52 -13.84
C PRO C 58 -13.12 -13.25 -14.83
N LYS C 59 -12.88 -14.53 -14.58
CA LYS C 59 -12.14 -15.31 -15.55
C LYS C 59 -13.00 -15.63 -16.76
N LYS C 60 -14.31 -15.72 -16.56
CA LYS C 60 -15.24 -15.88 -17.66
C LYS C 60 -15.20 -14.60 -18.50
N HIS C 61 -15.15 -14.74 -19.79
CA HIS C 61 -15.12 -13.58 -20.63
C HIS C 61 -16.49 -12.99 -20.92
N ILE C 62 -16.94 -12.12 -20.06
CA ILE C 62 -18.12 -11.33 -20.26
C ILE C 62 -17.58 -10.02 -20.81
N SER C 63 -18.01 -9.63 -22.01
CA SER C 63 -17.39 -8.48 -22.68
C SER C 63 -17.76 -7.15 -22.05
N GLN C 64 -18.99 -7.06 -21.56
CA GLN C 64 -19.49 -5.85 -20.97
C GLN C 64 -20.67 -6.16 -20.10
N ILE C 65 -20.91 -5.31 -19.10
CA ILE C 65 -21.96 -5.62 -18.14
C ILE C 65 -23.31 -5.65 -18.84
N SER C 66 -23.49 -4.89 -19.90
CA SER C 66 -24.78 -4.86 -20.59
C SER C 66 -25.19 -6.22 -21.16
N VAL C 67 -24.24 -7.13 -21.36
CA VAL C 67 -24.56 -8.46 -21.88
C VAL C 67 -24.41 -9.55 -20.82
N ALA C 68 -24.23 -9.17 -19.55
CA ALA C 68 -24.18 -10.17 -18.48
C ALA C 68 -25.50 -10.91 -18.41
N GLU C 69 -25.41 -12.21 -18.14
CA GLU C 69 -26.57 -13.08 -18.06
C GLU C 69 -27.06 -13.18 -16.63
N ASP C 70 -28.34 -13.46 -16.45
CA ASP C 70 -28.92 -13.60 -15.12
C ASP C 70 -28.12 -14.62 -14.30
N ASP C 71 -27.67 -15.70 -14.95
CA ASP C 71 -26.91 -16.75 -14.31
C ASP C 71 -25.57 -16.26 -13.77
N ASP C 72 -25.10 -15.10 -14.26
CA ASP C 72 -23.84 -14.48 -13.79
C ASP C 72 -23.99 -13.64 -12.54
N GLU C 73 -25.21 -13.56 -12.01
CA GLU C 73 -25.47 -12.66 -10.93
C GLU C 73 -24.55 -12.88 -9.73
N SER C 74 -24.41 -14.11 -9.27
CA SER C 74 -23.58 -14.29 -8.09
C SER C 74 -22.10 -14.06 -8.39
N LEU C 75 -21.67 -14.36 -9.62
CA LEU C 75 -20.29 -14.06 -10.04
C LEU C 75 -20.01 -12.57 -9.96
N LEU C 76 -20.93 -11.75 -10.45
CA LEU C 76 -20.73 -10.31 -10.36
C LEU C 76 -20.65 -9.86 -8.91
N GLY C 77 -21.52 -10.40 -8.07
CA GLY C 77 -21.45 -10.06 -6.65
C GLY C 77 -20.15 -10.52 -6.00
N HIS C 78 -19.63 -11.65 -6.45
CA HIS C 78 -18.34 -12.14 -6.00
C HIS C 78 -17.23 -11.15 -6.33
N LEU C 79 -17.29 -10.53 -7.50
CA LEU C 79 -16.29 -9.49 -7.81
C LEU C 79 -16.31 -8.38 -6.77
N MET C 80 -17.51 -7.99 -6.34
CA MET C 80 -17.66 -6.94 -5.36
C MET C 80 -17.18 -7.35 -4.00
N ILE C 81 -17.48 -8.58 -3.58
CA ILE C 81 -17.00 -9.05 -2.28
C ILE C 81 -15.47 -9.16 -2.30
N VAL C 82 -14.89 -9.70 -3.38
CA VAL C 82 -13.45 -9.78 -3.50
C VAL C 82 -12.86 -8.35 -3.49
N GLY C 83 -13.52 -7.43 -4.18
CA GLY C 83 -13.05 -6.06 -4.18
C GLY C 83 -13.03 -5.45 -2.80
N LYS C 84 -14.10 -5.68 -2.03
CA LYS C 84 -14.09 -5.09 -0.69
C LYS C 84 -13.06 -5.77 0.23
N LYS C 85 -12.83 -7.06 0.07
CA LYS C 85 -11.81 -7.73 0.88
C LYS C 85 -10.39 -7.27 0.50
N CYS C 86 -10.14 -7.09 -0.79
CA CYS C 86 -8.84 -6.59 -1.22
C CYS C 86 -8.62 -5.16 -0.72
N ALA C 87 -9.67 -4.34 -0.75
CA ALA C 87 -9.57 -2.97 -0.30
C ALA C 87 -9.14 -2.93 1.16
N ALA C 88 -9.75 -3.79 1.97
CA ALA C 88 -9.41 -3.85 3.39
C ALA C 88 -7.96 -4.30 3.58
N ASP C 89 -7.56 -5.31 2.81
CA ASP C 89 -6.19 -5.83 2.88
C ASP C 89 -5.16 -4.79 2.48
N LEU C 90 -5.56 -3.90 1.57
CA LEU C 90 -4.69 -2.83 1.08
C LEU C 90 -4.79 -1.57 1.94
N GLY C 91 -5.50 -1.66 3.06
CA GLY C 91 -5.53 -0.57 4.03
C GLY C 91 -6.46 0.61 3.75
N LEU C 92 -7.48 0.42 2.92
CA LEU C 92 -8.37 1.50 2.55
C LEU C 92 -9.49 1.72 3.59
N ASN C 93 -9.08 2.08 4.80
CA ASN C 93 -9.99 2.21 5.92
C ASN C 93 -10.82 3.48 5.91
N LYS C 94 -10.44 4.46 5.11
CA LYS C 94 -11.22 5.70 5.03
C LYS C 94 -12.23 5.65 3.89
N GLY C 95 -12.20 4.56 3.11
CA GLY C 95 -13.18 4.34 2.06
C GLY C 95 -12.58 4.26 0.69
N TYR C 96 -13.46 4.13 -0.30
CA TYR C 96 -13.03 3.87 -1.68
C TYR C 96 -14.24 3.97 -2.59
N ARG C 97 -13.98 3.94 -3.88
CA ARG C 97 -15.03 3.95 -4.89
C ARG C 97 -14.87 2.76 -5.81
N MET C 98 -15.96 2.05 -6.06
CA MET C 98 -15.99 0.96 -7.02
C MET C 98 -16.68 1.45 -8.30
N VAL C 99 -16.14 1.07 -9.46
CA VAL C 99 -16.63 1.59 -10.71
C VAL C 99 -16.68 0.46 -11.75
N VAL C 100 -17.79 0.38 -12.47
CA VAL C 100 -17.92 -0.45 -13.67
C VAL C 100 -18.30 0.46 -14.82
N ASN C 101 -17.46 0.46 -15.84
CA ASN C 101 -17.73 1.25 -17.05
C ASN C 101 -18.36 0.41 -18.15
N GLU C 102 -19.39 0.95 -18.81
CA GLU C 102 -20.06 0.32 -19.93
C GLU C 102 -20.01 1.19 -21.17
N GLY C 103 -19.43 0.66 -22.24
CA GLY C 103 -19.53 1.32 -23.53
C GLY C 103 -18.78 2.62 -23.66
N SER C 104 -19.04 3.32 -24.75
CA SER C 104 -18.27 4.52 -25.06
C SER C 104 -18.58 5.64 -24.07
N ASP C 105 -19.86 5.90 -23.81
CA ASP C 105 -20.20 6.94 -22.83
C ASP C 105 -19.67 6.61 -21.44
N GLY C 106 -19.59 5.32 -21.10
CA GLY C 106 -19.08 4.92 -19.80
C GLY C 106 -17.57 4.96 -19.74
N GLY C 107 -16.91 5.18 -20.87
CA GLY C 107 -15.47 5.18 -20.87
C GLY C 107 -14.83 3.81 -20.71
N GLN C 108 -15.54 2.76 -21.11
CA GLN C 108 -15.02 1.40 -20.96
C GLN C 108 -13.78 1.22 -21.83
N SER C 109 -12.65 0.90 -21.21
N SER C 109 -12.65 0.89 -21.22
CA SER C 109 -11.37 0.87 -21.91
CA SER C 109 -11.39 0.85 -21.96
C SER C 109 -10.94 -0.51 -22.43
C SER C 109 -11.05 -0.51 -22.55
N VAL C 110 -11.57 -1.57 -21.93
CA VAL C 110 -11.29 -2.94 -22.33
C VAL C 110 -12.61 -3.69 -22.30
N TYR C 111 -12.90 -4.45 -23.36
CA TYR C 111 -14.16 -5.18 -23.49
C TYR C 111 -14.04 -6.57 -22.81
N HIS C 112 -13.78 -6.50 -21.51
CA HIS C 112 -13.80 -7.62 -20.58
C HIS C 112 -14.25 -6.98 -19.29
N VAL C 113 -15.38 -7.40 -18.75
CA VAL C 113 -15.93 -6.66 -17.63
CA VAL C 113 -15.96 -6.77 -17.56
C VAL C 113 -14.93 -6.60 -16.46
N HIS C 114 -14.86 -5.41 -15.86
CA HIS C 114 -13.96 -5.18 -14.77
C HIS C 114 -14.55 -4.23 -13.75
N LEU C 115 -14.35 -4.55 -12.49
CA LEU C 115 -14.71 -3.72 -11.38
C LEU C 115 -13.46 -3.02 -10.88
N ALA C 116 -13.39 -1.70 -11.04
CA ALA C 116 -12.28 -0.92 -10.55
C ALA C 116 -12.55 -0.49 -9.12
N VAL C 117 -11.49 -0.45 -8.31
CA VAL C 117 -11.58 0.00 -6.93
C VAL C 117 -10.50 1.04 -6.72
N LEU C 118 -10.90 2.23 -6.36
CA LEU C 118 -9.99 3.36 -6.18
C LEU C 118 -10.09 3.94 -4.77
N GLY C 119 -8.94 4.23 -4.16
CA GLY C 119 -8.94 4.85 -2.87
C GLY C 119 -7.57 5.40 -2.50
N GLY C 120 -7.43 5.78 -1.24
CA GLY C 120 -6.20 6.38 -0.78
C GLY C 120 -6.13 7.88 -1.01
N ARG C 121 -7.23 8.43 -1.52
CA ARG C 121 -7.43 9.86 -1.60
C ARG C 121 -8.91 10.12 -1.57
N GLN C 122 -9.28 11.37 -1.37
CA GLN C 122 -10.67 11.76 -1.51
C GLN C 122 -11.11 11.59 -2.96
N MET C 123 -12.18 10.84 -3.18
CA MET C 123 -12.81 10.74 -4.49
C MET C 123 -13.88 11.83 -4.58
N HIS C 124 -14.04 12.41 -5.76
CA HIS C 124 -14.83 13.61 -5.92
C HIS C 124 -16.14 13.32 -6.65
N TRP C 125 -17.01 14.33 -6.70
CA TRP C 125 -18.33 14.19 -7.29
C TRP C 125 -18.50 15.38 -8.20
N PRO C 126 -18.95 15.15 -9.45
CA PRO C 126 -19.41 13.89 -10.03
C PRO C 126 -18.25 12.90 -10.28
N PRO C 127 -18.60 11.61 -10.47
CA PRO C 127 -17.58 10.58 -10.65
C PRO C 127 -17.17 10.47 -12.13
N GLY C 128 -16.62 11.56 -12.65
CA GLY C 128 -16.42 11.70 -14.08
C GLY C 128 -17.61 12.34 -14.77
N ARG D 14 -39.78 -1.84 11.37
CA ARG D 14 -39.55 -1.06 10.17
C ARG D 14 -38.40 -1.66 9.35
N PRO D 15 -38.72 -2.60 8.43
CA PRO D 15 -37.70 -3.19 7.54
C PRO D 15 -37.11 -2.22 6.51
N GLY D 16 -35.79 -2.26 6.29
CA GLY D 16 -35.13 -1.31 5.39
C GLY D 16 -34.33 -0.24 6.13
N GLY D 17 -34.58 -0.08 7.43
CA GLY D 17 -33.91 0.94 8.24
C GLY D 17 -34.59 2.32 8.18
N ASP D 18 -34.11 3.30 8.95
CA ASP D 18 -34.68 4.64 8.86
C ASP D 18 -33.77 5.63 8.17
N THR D 19 -32.77 5.19 7.38
CA THR D 19 -32.16 6.13 6.46
C THR D 19 -33.25 6.54 5.48
N ILE D 20 -32.98 7.59 4.75
CA ILE D 20 -33.91 8.06 3.77
C ILE D 20 -34.19 6.95 2.75
N PHE D 21 -33.23 6.10 2.46
CA PHE D 21 -33.47 4.98 1.53
C PHE D 21 -34.45 3.96 2.14
N GLY D 22 -34.34 3.68 3.44
CA GLY D 22 -35.31 2.82 4.10
C GLY D 22 -36.72 3.37 4.04
N LYS D 23 -36.84 4.68 4.18
CA LYS D 23 -38.13 5.36 4.07
C LYS D 23 -38.69 5.26 2.64
N ILE D 24 -37.83 5.44 1.65
CA ILE D 24 -38.25 5.26 0.26
C ILE D 24 -38.73 3.83 0.01
N ILE D 25 -38.01 2.84 0.52
CA ILE D 25 -38.43 1.45 0.36
C ILE D 25 -39.85 1.22 0.90
N ARG D 26 -40.15 1.83 2.03
CA ARG D 26 -41.46 1.63 2.68
C ARG D 26 -42.53 2.61 2.19
N LYS D 27 -42.22 3.40 1.16
CA LYS D 27 -43.16 4.34 0.56
C LYS D 27 -43.53 5.49 1.51
N GLU D 28 -42.66 5.79 2.46
CA GLU D 28 -42.92 6.84 3.45
C GLU D 28 -42.47 8.18 2.98
N ILE D 29 -41.49 8.21 2.06
CA ILE D 29 -41.15 9.45 1.35
C ILE D 29 -41.14 9.11 -0.15
N PRO D 30 -41.60 10.03 -0.98
CA PRO D 30 -41.78 9.70 -2.40
C PRO D 30 -40.49 9.57 -3.14
N ALA D 31 -40.54 8.79 -4.21
CA ALA D 31 -39.42 8.65 -5.10
C ALA D 31 -39.93 8.33 -6.49
N LYS D 32 -39.08 8.57 -7.48
CA LYS D 32 -39.43 8.28 -8.86
C LYS D 32 -38.86 6.91 -9.22
N ILE D 33 -39.71 5.90 -9.08
CA ILE D 33 -39.28 4.50 -9.11
C ILE D 33 -39.24 4.00 -10.53
N ILE D 34 -38.16 3.31 -10.84
CA ILE D 34 -37.93 2.72 -12.17
C ILE D 34 -38.28 1.23 -12.20
N PHE D 35 -37.89 0.52 -11.14
CA PHE D 35 -38.03 -0.92 -11.05
C PHE D 35 -38.09 -1.31 -9.58
N GLU D 36 -38.87 -2.34 -9.28
CA GLU D 36 -38.94 -2.84 -7.94
C GLU D 36 -39.14 -4.34 -7.97
N ASP D 37 -38.42 -5.05 -7.13
CA ASP D 37 -38.73 -6.46 -6.90
C ASP D 37 -38.56 -6.77 -5.42
N ASP D 38 -38.56 -8.04 -5.04
CA ASP D 38 -38.46 -8.42 -3.64
C ASP D 38 -37.09 -8.12 -3.01
N ARG D 39 -36.07 -7.95 -3.83
CA ARG D 39 -34.70 -7.78 -3.36
CA ARG D 39 -34.71 -7.77 -3.32
C ARG D 39 -34.18 -6.35 -3.42
N CYS D 40 -34.74 -5.55 -4.31
CA CYS D 40 -34.14 -4.25 -4.57
C CYS D 40 -35.15 -3.27 -5.19
N LEU D 41 -34.68 -2.04 -5.28
CA LEU D 41 -35.44 -0.92 -5.77
C LEU D 41 -34.52 -0.01 -6.55
N ALA D 42 -34.97 0.42 -7.72
CA ALA D 42 -34.25 1.39 -8.54
C ALA D 42 -35.09 2.65 -8.66
N PHE D 43 -34.47 3.81 -8.47
CA PHE D 43 -35.19 5.08 -8.50
C PHE D 43 -34.23 6.20 -8.90
N HIS D 44 -34.77 7.29 -9.44
CA HIS D 44 -33.93 8.37 -9.88
C HIS D 44 -33.32 9.18 -8.75
N ASP D 45 -32.08 9.62 -8.99
CA ASP D 45 -31.39 10.46 -8.02
C ASP D 45 -31.96 11.88 -8.07
N ILE D 46 -32.15 12.47 -6.90
CA ILE D 46 -32.73 13.81 -6.82
C ILE D 46 -31.73 14.91 -7.16
N SER D 47 -30.45 14.57 -7.19
CA SER D 47 -29.42 15.52 -7.57
C SER D 47 -28.57 14.93 -8.70
N PRO D 48 -29.16 14.82 -9.90
CA PRO D 48 -28.48 14.09 -10.96
C PRO D 48 -27.17 14.74 -11.39
N GLN D 49 -26.18 13.89 -11.66
CA GLN D 49 -24.86 14.33 -12.11
C GLN D 49 -24.64 13.99 -13.58
N ALA D 50 -25.68 13.45 -14.22
CA ALA D 50 -25.68 13.13 -15.63
C ALA D 50 -27.13 13.20 -16.09
N PRO D 51 -27.36 13.28 -17.42
CA PRO D 51 -28.72 13.41 -17.92
C PRO D 51 -29.65 12.30 -17.39
N THR D 52 -29.11 11.09 -17.21
CA THR D 52 -29.80 10.01 -16.53
C THR D 52 -28.90 9.61 -15.35
N HIS D 53 -29.49 9.57 -14.16
CA HIS D 53 -28.74 9.23 -12.97
C HIS D 53 -29.72 8.59 -12.00
N PHE D 54 -29.58 7.29 -11.77
CA PHE D 54 -30.44 6.58 -10.87
C PHE D 54 -29.65 5.73 -9.89
N LEU D 55 -30.34 5.21 -8.88
CA LEU D 55 -29.74 4.40 -7.83
C LEU D 55 -30.45 3.05 -7.80
N VAL D 56 -29.70 1.99 -7.47
CA VAL D 56 -30.27 0.68 -7.22
C VAL D 56 -29.84 0.30 -5.81
N ILE D 57 -30.82 0.03 -4.95
CA ILE D 57 -30.52 -0.26 -3.55
C ILE D 57 -31.15 -1.61 -3.17
N PRO D 58 -30.52 -2.31 -2.22
CA PRO D 58 -31.15 -3.53 -1.70
C PRO D 58 -32.26 -3.13 -0.75
N LYS D 59 -33.29 -3.96 -0.67
CA LYS D 59 -34.32 -3.77 0.34
C LYS D 59 -33.80 -4.16 1.71
N LYS D 60 -32.92 -5.15 1.77
CA LYS D 60 -32.19 -5.47 2.99
C LYS D 60 -31.25 -4.32 3.32
N HIS D 61 -31.29 -3.85 4.56
CA HIS D 61 -30.39 -2.79 4.95
C HIS D 61 -28.99 -3.33 5.15
N ILE D 62 -28.04 -2.84 4.35
CA ILE D 62 -26.62 -3.06 4.51
C ILE D 62 -26.05 -1.64 4.51
N SER D 63 -25.28 -1.25 5.52
CA SER D 63 -24.93 0.16 5.66
C SER D 63 -23.96 0.63 4.61
N GLN D 64 -23.03 -0.25 4.25
CA GLN D 64 -21.94 0.11 3.33
C GLN D 64 -21.29 -1.18 2.83
N ILE D 65 -20.67 -1.14 1.66
CA ILE D 65 -20.20 -2.37 1.04
C ILE D 65 -19.10 -3.01 1.92
N SER D 66 -18.36 -2.22 2.70
CA SER D 66 -17.25 -2.76 3.49
C SER D 66 -17.74 -3.69 4.60
N VAL D 67 -19.03 -3.66 4.93
CA VAL D 67 -19.59 -4.59 5.92
C VAL D 67 -20.53 -5.65 5.32
N ALA D 68 -20.58 -5.74 3.99
CA ALA D 68 -21.41 -6.76 3.35
C ALA D 68 -20.86 -8.14 3.69
N GLU D 69 -21.76 -9.08 3.89
CA GLU D 69 -21.41 -10.46 4.26
C GLU D 69 -21.14 -11.28 2.98
N ASP D 70 -20.41 -12.38 3.14
CA ASP D 70 -20.16 -13.26 2.00
C ASP D 70 -21.47 -13.75 1.36
N ASP D 71 -22.48 -14.02 2.19
CA ASP D 71 -23.76 -14.50 1.67
C ASP D 71 -24.56 -13.41 0.96
N ASP D 72 -24.06 -12.17 0.97
CA ASP D 72 -24.70 -11.08 0.23
C ASP D 72 -24.28 -11.06 -1.27
N GLU D 73 -23.46 -12.02 -1.71
CA GLU D 73 -22.98 -11.99 -3.08
C GLU D 73 -24.08 -11.92 -4.13
N SER D 74 -25.07 -12.80 -4.02
CA SER D 74 -26.12 -12.83 -5.05
C SER D 74 -26.88 -11.51 -5.08
N LEU D 75 -27.14 -10.94 -3.90
CA LEU D 75 -27.87 -9.69 -3.80
C LEU D 75 -27.09 -8.55 -4.44
N LEU D 76 -25.80 -8.45 -4.15
CA LEU D 76 -24.98 -7.42 -4.73
C LEU D 76 -24.92 -7.55 -6.24
N GLY D 77 -24.75 -8.77 -6.72
CA GLY D 77 -24.79 -9.02 -8.15
C GLY D 77 -26.13 -8.63 -8.76
N HIS D 78 -27.21 -8.89 -8.03
CA HIS D 78 -28.52 -8.55 -8.51
C HIS D 78 -28.66 -7.03 -8.69
N LEU D 79 -28.05 -6.25 -7.82
CA LEU D 79 -28.05 -4.79 -8.00
C LEU D 79 -27.46 -4.41 -9.36
N MET D 80 -26.39 -5.08 -9.73
CA MET D 80 -25.73 -4.78 -11.00
C MET D 80 -26.56 -5.23 -12.20
N ILE D 81 -27.17 -6.41 -12.10
CA ILE D 81 -28.02 -6.91 -13.19
C ILE D 81 -29.23 -6.00 -13.34
N VAL D 82 -29.85 -5.61 -12.24
CA VAL D 82 -30.98 -4.68 -12.31
C VAL D 82 -30.52 -3.34 -12.86
N GLY D 83 -29.35 -2.87 -12.42
CA GLY D 83 -28.84 -1.62 -12.97
C GLY D 83 -28.66 -1.66 -14.47
N LYS D 84 -28.10 -2.75 -14.98
CA LYS D 84 -27.88 -2.80 -16.43
C LYS D 84 -29.22 -2.94 -17.17
N LYS D 85 -30.16 -3.69 -16.63
CA LYS D 85 -31.49 -3.83 -17.23
C LYS D 85 -32.21 -2.47 -17.26
N CYS D 86 -32.19 -1.75 -16.13
CA CYS D 86 -32.81 -0.44 -16.09
C CYS D 86 -32.16 0.52 -17.07
N ALA D 87 -30.84 0.47 -17.19
CA ALA D 87 -30.15 1.35 -18.13
C ALA D 87 -30.64 1.09 -19.56
N ALA D 88 -30.79 -0.18 -19.92
CA ALA D 88 -31.30 -0.50 -21.25
C ALA D 88 -32.73 -0.03 -21.42
N ASP D 89 -33.54 -0.22 -20.38
CA ASP D 89 -34.95 0.20 -20.46
C ASP D 89 -35.07 1.72 -20.59
N LEU D 90 -34.08 2.43 -20.06
CA LEU D 90 -34.05 3.88 -20.13
C LEU D 90 -33.31 4.40 -21.37
N GLY D 91 -32.92 3.51 -22.27
CA GLY D 91 -32.36 3.90 -23.55
C GLY D 91 -30.92 4.37 -23.52
N LEU D 92 -30.15 3.93 -22.53
CA LEU D 92 -28.73 4.30 -22.43
C LEU D 92 -27.86 3.39 -23.30
N ASN D 93 -28.17 3.39 -24.59
CA ASN D 93 -27.52 2.53 -25.58
C ASN D 93 -26.05 2.87 -25.85
N LYS D 94 -25.63 4.07 -25.53
CA LYS D 94 -24.23 4.45 -25.75
C LYS D 94 -23.34 4.16 -24.57
N GLY D 95 -23.93 3.75 -23.46
CA GLY D 95 -23.20 3.34 -22.29
C GLY D 95 -23.53 4.13 -21.04
N TYR D 96 -22.80 3.82 -19.99
CA TYR D 96 -23.09 4.36 -18.67
C TYR D 96 -21.98 3.93 -17.72
N ARG D 97 -21.96 4.52 -16.53
CA ARG D 97 -21.01 4.18 -15.49
C ARG D 97 -21.77 3.81 -14.23
N MET D 98 -21.39 2.70 -13.61
CA MET D 98 -21.93 2.26 -12.33
C MET D 98 -20.93 2.58 -11.26
N VAL D 99 -21.40 3.07 -10.13
CA VAL D 99 -20.55 3.53 -9.07
C VAL D 99 -21.09 3.08 -7.71
N VAL D 100 -20.21 2.52 -6.88
CA VAL D 100 -20.51 2.28 -5.47
C VAL D 100 -19.54 3.09 -4.64
N ASN D 101 -20.08 4.01 -3.85
CA ASN D 101 -19.27 4.83 -2.94
C ASN D 101 -19.22 4.19 -1.57
N GLU D 102 -18.01 4.09 -1.03
CA GLU D 102 -17.78 3.54 0.30
C GLU D 102 -17.12 4.57 1.18
N GLY D 103 -17.81 4.89 2.28
CA GLY D 103 -17.19 5.69 3.31
C GLY D 103 -16.80 7.10 2.91
N SER D 104 -15.97 7.73 3.74
CA SER D 104 -15.69 9.15 3.59
CA SER D 104 -15.69 9.14 3.59
C SER D 104 -14.91 9.44 2.31
N ASP D 105 -13.85 8.68 2.05
CA ASP D 105 -13.07 8.90 0.84
C ASP D 105 -13.83 8.52 -0.41
N GLY D 106 -14.77 7.60 -0.29
CA GLY D 106 -15.62 7.27 -1.42
C GLY D 106 -16.70 8.27 -1.74
N GLY D 107 -16.95 9.20 -0.83
CA GLY D 107 -18.05 10.14 -0.99
C GLY D 107 -19.41 9.59 -0.65
N GLN D 108 -19.47 8.55 0.18
CA GLN D 108 -20.74 8.00 0.60
C GLN D 108 -21.50 8.98 1.52
N SER D 109 -22.75 9.24 1.22
CA SER D 109 -23.54 10.19 1.99
C SER D 109 -24.66 9.58 2.79
N VAL D 110 -25.21 8.49 2.29
CA VAL D 110 -26.28 7.78 2.94
C VAL D 110 -25.75 6.38 3.23
N TYR D 111 -25.80 5.98 4.50
CA TYR D 111 -25.27 4.69 4.89
C TYR D 111 -26.31 3.57 4.76
N HIS D 112 -26.70 3.37 3.50
CA HIS D 112 -27.48 2.25 3.02
C HIS D 112 -26.90 2.04 1.62
N VAL D 113 -26.31 0.88 1.38
CA VAL D 113 -25.53 0.72 0.17
CA VAL D 113 -25.60 0.55 0.14
C VAL D 113 -26.41 0.97 -1.07
N HIS D 114 -25.77 1.56 -2.08
CA HIS D 114 -26.43 1.93 -3.31
C HIS D 114 -25.47 1.86 -4.49
N LEU D 115 -25.97 1.34 -5.59
CA LEU D 115 -25.25 1.36 -6.86
C LEU D 115 -25.84 2.50 -7.70
N ALA D 116 -25.02 3.47 -8.05
CA ALA D 116 -25.46 4.56 -8.92
C ALA D 116 -25.17 4.22 -10.37
N VAL D 117 -26.07 4.62 -11.25
CA VAL D 117 -25.89 4.43 -12.68
C VAL D 117 -26.06 5.79 -13.34
N LEU D 118 -25.04 6.22 -14.05
CA LEU D 118 -24.99 7.53 -14.71
C LEU D 118 -24.76 7.35 -16.19
N GLY D 119 -25.56 8.05 -16.99
CA GLY D 119 -25.32 8.03 -18.41
C GLY D 119 -26.04 9.17 -19.12
N GLY D 120 -26.07 9.10 -20.44
CA GLY D 120 -26.67 10.12 -21.25
C GLY D 120 -25.73 11.25 -21.60
N ARG D 121 -24.46 11.09 -21.24
CA ARG D 121 -23.39 12.00 -21.64
C ARG D 121 -22.10 11.21 -21.60
N GLN D 122 -21.07 11.79 -22.20
CA GLN D 122 -19.75 11.20 -22.08
C GLN D 122 -19.28 11.32 -20.63
N MET D 123 -18.95 10.19 -20.01
CA MET D 123 -18.30 10.18 -18.71
C MET D 123 -16.78 10.31 -18.87
N HIS D 124 -16.13 10.97 -17.92
CA HIS D 124 -14.72 11.30 -18.03
C HIS D 124 -13.88 10.44 -17.09
N TRP D 125 -12.57 10.46 -17.31
CA TRP D 125 -11.63 9.75 -16.45
C TRP D 125 -10.69 10.80 -15.85
N PRO D 126 -10.32 10.67 -14.58
CA PRO D 126 -10.70 9.65 -13.61
C PRO D 126 -12.14 9.78 -13.17
N PRO D 127 -12.69 8.76 -12.51
CA PRO D 127 -14.09 8.77 -12.09
C PRO D 127 -14.24 9.46 -10.75
N GLY D 128 -13.89 10.74 -10.72
CA GLY D 128 -13.76 11.51 -9.50
C GLY D 128 -12.37 11.39 -8.91
#